data_5YBJ
#
_entry.id   5YBJ
#
_cell.length_a   42.903
_cell.length_b   47.602
_cell.length_c   137.745
_cell.angle_alpha   90.00
_cell.angle_beta   90.00
_cell.angle_gamma   90.00
#
_symmetry.space_group_name_H-M   'P 21 21 21'
#
loop_
_entity.id
_entity.type
_entity.pdbx_description
1 polymer 'KN motif and ankyrin repeat domain-containing protein 1'
2 non-polymer GLYCEROL
3 water water
#
_entity_poly.entity_id   1
_entity_poly.type   'polypeptide(L)'
_entity_poly.pdbx_seq_one_letter_code
;GHMRERYELSEKMLSACNLLKNTINDPKALTSKDMRFCLNTLQHEWFRVSSQKSAIPAMVGDYIAAFEAISPDVLRYVIN
LADGNGNTALHYSVSHSNFEIVKLLLDADVCNVDHQNKAGYTPIMLAALAAVEAEKDMRIVEELFGCGDVNAKASQAGQT
ALMLAVSHGRIDMVKGLLACGADVNIQDDEGSTALMCASEHGHVEIVKLLLAQPGCNGHLEDNDGSTALSIALEAGHKDI
AVLLYAHVNFAKA
;
_entity_poly.pdbx_strand_id   A
#
loop_
_chem_comp.id
_chem_comp.type
_chem_comp.name
_chem_comp.formula
GOL non-polymer GLYCEROL 'C3 H8 O3'
#
# COMPACT_ATOMS: atom_id res chain seq x y z
N HIS A 2 -13.38 6.68 -35.68
CA HIS A 2 -12.25 7.44 -35.04
C HIS A 2 -12.06 6.99 -33.60
N MET A 3 -10.80 6.96 -33.14
CA MET A 3 -10.48 6.50 -31.79
C MET A 3 -10.55 7.65 -30.79
N ARG A 4 -10.29 7.37 -29.52
CA ARG A 4 -10.54 8.33 -28.44
C ARG A 4 -9.65 9.56 -28.48
N GLU A 5 -10.01 10.54 -27.67
CA GLU A 5 -9.37 11.85 -27.66
C GLU A 5 -8.57 12.03 -26.37
N ARG A 6 -7.31 12.45 -26.50
CA ARG A 6 -6.43 12.68 -25.35
C ARG A 6 -7.00 13.72 -24.37
N TYR A 7 -6.78 13.49 -23.08
CA TYR A 7 -7.08 14.50 -22.06
C TYR A 7 -5.84 15.38 -21.96
N GLU A 8 -6.02 16.68 -22.17
CA GLU A 8 -4.91 17.64 -22.13
C GLU A 8 -4.82 18.28 -20.75
N LEU A 9 -3.61 18.66 -20.38
CA LEU A 9 -3.39 19.53 -19.23
C LEU A 9 -3.99 20.89 -19.58
N SER A 10 -4.60 21.55 -18.60
CA SER A 10 -5.05 22.95 -18.76
C SER A 10 -3.85 23.87 -18.96
N GLU A 11 -4.08 25.02 -19.59
CA GLU A 11 -3.01 26.01 -19.83
C GLU A 11 -2.33 26.42 -18.51
N LYS A 12 -3.14 26.50 -17.46
CA LYS A 12 -2.68 26.82 -16.11
C LYS A 12 -1.80 25.70 -15.56
N MET A 13 -2.26 24.47 -15.72
CA MET A 13 -1.49 23.29 -15.31
C MET A 13 -0.18 23.14 -16.09
N LEU A 14 -0.25 23.46 -17.38
CA LEU A 14 0.91 23.40 -18.23
C LEU A 14 2.02 24.35 -17.75
N SER A 15 1.68 25.63 -17.53
CA SER A 15 2.68 26.60 -17.08
C SER A 15 3.15 26.31 -15.65
N ALA A 16 2.24 25.76 -14.82
CA ALA A 16 2.60 25.34 -13.47
C ALA A 16 3.69 24.28 -13.52
N CYS A 17 3.52 23.32 -14.44
CA CYS A 17 4.52 22.31 -14.68
C CYS A 17 5.80 22.85 -15.29
N ASN A 18 5.68 23.78 -16.25
CA ASN A 18 6.85 24.38 -16.89
CA ASN A 18 6.83 24.38 -16.89
C ASN A 18 7.63 25.21 -15.89
N LEU A 19 6.92 25.93 -15.02
CA LEU A 19 7.57 26.68 -13.94
C LEU A 19 8.33 25.71 -13.03
N LEU A 20 7.69 24.63 -12.59
CA LEU A 20 8.34 23.62 -11.72
C LEU A 20 9.60 23.05 -12.38
N LYS A 21 9.54 22.79 -13.68
CA LYS A 21 10.68 22.27 -14.45
C LYS A 21 11.91 23.16 -14.30
N ASN A 22 11.72 24.47 -14.44
CA ASN A 22 12.85 25.41 -14.36
C ASN A 22 13.29 25.75 -12.94
N THR A 23 12.47 25.35 -11.96
CA THR A 23 12.62 25.74 -10.57
C THR A 23 13.00 24.57 -9.64
N ILE A 24 12.67 23.34 -10.02
CA ILE A 24 12.79 22.16 -9.14
C ILE A 24 14.16 22.02 -8.45
N ASN A 25 15.22 22.36 -9.17
CA ASN A 25 16.58 22.30 -8.65
C ASN A 25 17.08 23.70 -8.20
N ASP A 26 16.26 24.38 -7.40
CA ASP A 26 16.58 25.72 -6.83
C ASP A 26 15.80 25.89 -5.49
N PRO A 27 16.39 25.42 -4.37
CA PRO A 27 15.69 25.45 -3.07
C PRO A 27 15.20 26.83 -2.56
N LYS A 28 15.86 27.90 -2.97
CA LYS A 28 15.39 29.26 -2.65
C LYS A 28 14.05 29.56 -3.32
N ALA A 29 13.86 29.04 -4.53
CA ALA A 29 12.62 29.20 -5.29
C ALA A 29 11.46 28.35 -4.75
N LEU A 30 11.71 27.06 -4.49
CA LEU A 30 10.64 26.13 -4.01
C LEU A 30 10.05 26.56 -2.68
N THR A 31 10.94 26.93 -1.75
CA THR A 31 10.54 27.34 -0.42
C THR A 31 10.04 28.78 -0.34
N SER A 32 10.10 29.53 -1.44
CA SER A 32 9.53 30.89 -1.47
C SER A 32 8.01 30.86 -1.40
N LYS A 33 7.43 31.94 -0.88
CA LYS A 33 5.99 32.06 -0.68
C LYS A 33 5.20 32.08 -1.99
N ASP A 34 5.70 32.81 -2.99
CA ASP A 34 5.04 32.91 -4.29
C ASP A 34 5.02 31.58 -5.05
N MET A 35 6.05 30.75 -4.84
CA MET A 35 6.10 29.44 -5.47
C MET A 35 5.07 28.47 -4.88
N ARG A 36 4.59 28.73 -3.66
CA ARG A 36 3.56 27.87 -3.06
C ARG A 36 2.23 27.97 -3.84
N PHE A 37 1.93 29.16 -4.38
CA PHE A 37 0.76 29.34 -5.25
C PHE A 37 0.79 28.37 -6.44
N CYS A 38 1.98 28.17 -7.01
CA CYS A 38 2.18 27.25 -8.12
C CYS A 38 2.06 25.79 -7.67
N LEU A 39 2.73 25.43 -6.58
CA LEU A 39 2.67 24.06 -6.06
C LEU A 39 1.25 23.64 -5.63
N ASN A 40 0.49 24.59 -5.08
CA ASN A 40 -0.92 24.34 -4.73
C ASN A 40 -1.78 24.05 -5.96
N THR A 41 -1.54 24.79 -7.05
CA THR A 41 -2.22 24.52 -8.33
C THR A 41 -1.92 23.11 -8.83
N LEU A 42 -0.66 22.72 -8.82
CA LEU A 42 -0.24 21.38 -9.21
C LEU A 42 -0.97 20.34 -8.37
N GLN A 43 -0.88 20.51 -7.04
CA GLN A 43 -1.49 19.58 -6.10
C GLN A 43 -2.99 19.48 -6.28
N HIS A 44 -3.65 20.62 -6.48
N HIS A 44 -3.66 20.61 -6.48
CA HIS A 44 -5.12 20.64 -6.58
CA HIS A 44 -5.12 20.60 -6.54
C HIS A 44 -5.59 19.84 -7.78
C HIS A 44 -5.68 19.93 -7.79
N GLU A 45 -5.07 20.16 -8.97
CA GLU A 45 -5.50 19.48 -10.21
C GLU A 45 -5.03 18.03 -10.31
N TRP A 46 -3.87 17.71 -9.73
CA TRP A 46 -3.39 16.31 -9.73
C TRP A 46 -4.31 15.37 -8.92
N PHE A 47 -4.58 15.74 -7.66
CA PHE A 47 -5.51 14.96 -6.83
C PHE A 47 -6.92 14.95 -7.41
N ARG A 48 -7.32 16.02 -8.10
CA ARG A 48 -8.64 16.08 -8.75
C ARG A 48 -8.80 14.92 -9.72
N VAL A 49 -7.84 14.77 -10.63
CA VAL A 49 -7.94 13.77 -11.70
C VAL A 49 -7.55 12.35 -11.26
N SER A 50 -6.70 12.22 -10.24
CA SER A 50 -6.10 10.91 -9.88
C SER A 50 -6.67 10.24 -8.63
N SER A 51 -7.24 11.02 -7.72
CA SER A 51 -7.63 10.51 -6.41
C SER A 51 -9.08 10.85 -6.13
N GLN A 52 -9.95 10.27 -6.95
CA GLN A 52 -11.39 10.22 -6.70
C GLN A 52 -11.86 8.83 -7.10
N LYS A 53 -12.93 8.35 -6.48
CA LYS A 53 -13.54 7.04 -6.83
C LYS A 53 -13.79 6.93 -8.35
N SER A 54 -14.33 8.00 -8.94
CA SER A 54 -14.58 8.08 -10.40
C SER A 54 -13.45 8.75 -11.22
N ALA A 55 -12.19 8.56 -10.79
CA ALA A 55 -11.04 9.00 -11.58
C ALA A 55 -10.95 8.13 -12.83
N ILE A 56 -10.70 8.76 -13.97
CA ILE A 56 -10.69 8.08 -15.25
C ILE A 56 -9.25 7.63 -15.50
N PRO A 57 -9.02 6.31 -15.71
CA PRO A 57 -7.66 5.86 -15.98
C PRO A 57 -7.03 6.47 -17.24
N ALA A 58 -7.79 6.64 -18.31
CA ALA A 58 -7.30 7.30 -19.51
C ALA A 58 -6.80 8.71 -19.22
N MET A 59 -7.47 9.42 -18.31
CA MET A 59 -7.07 10.77 -17.96
C MET A 59 -5.78 10.75 -17.13
N VAL A 60 -5.70 9.84 -16.17
CA VAL A 60 -4.47 9.70 -15.38
C VAL A 60 -3.29 9.31 -16.28
N GLY A 61 -3.52 8.41 -17.24
CA GLY A 61 -2.47 7.97 -18.17
C GLY A 61 -1.97 9.09 -19.07
N ASP A 62 -2.91 9.91 -19.56
CA ASP A 62 -2.56 11.06 -20.41
C ASP A 62 -1.87 12.15 -19.60
N TYR A 63 -2.30 12.37 -18.37
CA TYR A 63 -1.58 13.28 -17.46
C TYR A 63 -0.14 12.78 -17.15
N ILE A 64 0.01 11.52 -16.80
CA ILE A 64 1.34 10.95 -16.51
C ILE A 64 2.29 11.15 -17.70
N ALA A 65 1.84 10.79 -18.89
CA ALA A 65 2.64 10.90 -20.08
C ALA A 65 2.98 12.37 -20.41
N ALA A 66 2.08 13.30 -20.14
CA ALA A 66 2.38 14.73 -20.36
C ALA A 66 3.41 15.28 -19.36
N PHE A 67 3.39 14.80 -18.12
CA PHE A 67 4.40 15.17 -17.13
C PHE A 67 5.78 14.68 -17.55
N GLU A 68 5.87 13.43 -17.99
CA GLU A 68 7.12 12.86 -18.51
C GLU A 68 7.70 13.73 -19.61
N ALA A 69 6.87 14.02 -20.61
CA ALA A 69 7.26 14.82 -21.78
C ALA A 69 7.80 16.21 -21.40
N ILE A 70 7.23 16.81 -20.37
CA ILE A 70 7.76 18.05 -19.80
C ILE A 70 9.10 17.74 -19.14
N SER A 71 9.10 16.92 -18.08
CA SER A 71 10.35 16.50 -17.45
C SER A 71 10.19 15.31 -16.53
N PRO A 72 11.21 14.44 -16.46
CA PRO A 72 11.13 13.35 -15.48
C PRO A 72 11.15 13.83 -14.01
N ASP A 73 11.86 14.94 -13.74
CA ASP A 73 11.85 15.57 -12.41
C ASP A 73 10.44 16.00 -12.01
N VAL A 74 9.71 16.56 -12.99
CA VAL A 74 8.34 17.01 -12.80
C VAL A 74 7.41 15.82 -12.56
N LEU A 75 7.50 14.79 -13.41
CA LEU A 75 6.76 13.54 -13.17
C LEU A 75 6.99 13.02 -11.75
N ARG A 76 8.26 12.88 -11.36
CA ARG A 76 8.59 12.38 -10.03
C ARG A 76 7.99 13.22 -8.91
N TYR A 77 8.05 14.54 -9.04
CA TYR A 77 7.56 15.43 -8.00
C TYR A 77 6.05 15.29 -7.84
N VAL A 78 5.31 15.29 -8.95
CA VAL A 78 3.85 15.35 -8.92
C VAL A 78 3.20 14.04 -8.45
N ILE A 79 3.75 12.91 -8.93
CA ILE A 79 3.29 11.58 -8.50
C ILE A 79 3.42 11.38 -7.01
N ASN A 80 4.48 11.94 -6.42
CA ASN A 80 4.76 11.74 -5.00
C ASN A 80 4.21 12.80 -4.07
N LEU A 81 3.38 13.70 -4.58
CA LEU A 81 2.70 14.66 -3.73
C LEU A 81 1.83 13.93 -2.71
N ALA A 82 1.97 14.32 -1.45
CA ALA A 82 1.11 13.86 -0.37
C ALA A 82 0.20 15.01 0.05
N ASP A 83 -1.10 14.75 0.17
CA ASP A 83 -2.04 15.75 0.64
C ASP A 83 -1.88 15.99 2.15
N GLY A 84 -2.80 16.75 2.77
CA GLY A 84 -2.72 17.08 4.20
C GLY A 84 -2.77 15.89 5.15
N ASN A 85 -3.28 14.76 4.66
CA ASN A 85 -3.33 13.52 5.44
C ASN A 85 -2.13 12.62 5.20
N GLY A 86 -1.12 13.10 4.47
CA GLY A 86 0.00 12.25 4.06
C GLY A 86 -0.31 11.25 2.95
N ASN A 87 -1.49 11.35 2.32
CA ASN A 87 -1.93 10.40 1.28
C ASN A 87 -1.49 10.85 -0.11
N THR A 88 -0.83 9.95 -0.83
CA THR A 88 -0.51 10.11 -2.24
C THR A 88 -1.64 9.57 -3.11
N ALA A 89 -1.52 9.75 -4.42
CA ALA A 89 -2.45 9.14 -5.38
C ALA A 89 -2.44 7.62 -5.31
N LEU A 90 -1.28 7.05 -5.02
CA LEU A 90 -1.16 5.62 -4.80
C LEU A 90 -2.01 5.15 -3.62
N HIS A 91 -1.87 5.81 -2.48
CA HIS A 91 -2.70 5.50 -1.31
C HIS A 91 -4.18 5.50 -1.67
N TYR A 92 -4.61 6.56 -2.37
CA TYR A 92 -6.03 6.75 -2.69
C TYR A 92 -6.55 5.75 -3.71
N SER A 93 -5.82 5.54 -4.80
CA SER A 93 -6.26 4.61 -5.83
C SER A 93 -6.20 3.14 -5.35
N VAL A 94 -5.28 2.82 -4.43
CA VAL A 94 -5.30 1.50 -3.77
C VAL A 94 -6.53 1.35 -2.91
N SER A 95 -6.82 2.35 -2.08
CA SER A 95 -7.93 2.23 -1.13
C SER A 95 -9.31 2.26 -1.79
N HIS A 96 -9.43 2.94 -2.92
CA HIS A 96 -10.65 2.94 -3.73
C HIS A 96 -10.75 1.76 -4.72
N SER A 97 -9.84 0.80 -4.65
CA SER A 97 -9.76 -0.33 -5.60
C SER A 97 -9.73 0.10 -7.09
N ASN A 98 -9.02 1.19 -7.38
CA ASN A 98 -8.84 1.66 -8.74
C ASN A 98 -7.50 1.11 -9.24
N PHE A 99 -7.48 -0.18 -9.58
CA PHE A 99 -6.21 -0.88 -9.79
C PHE A 99 -5.58 -0.62 -11.14
N GLU A 100 -6.36 -0.27 -12.12
CA GLU A 100 -5.81 0.15 -13.40
C GLU A 100 -4.95 1.40 -13.17
N ILE A 101 -5.44 2.36 -12.38
CA ILE A 101 -4.68 3.56 -12.06
C ILE A 101 -3.44 3.23 -11.23
N VAL A 102 -3.60 2.27 -10.32
CA VAL A 102 -2.47 1.82 -9.50
C VAL A 102 -1.35 1.31 -10.40
N LYS A 103 -1.68 0.46 -11.36
CA LYS A 103 -0.69 -0.01 -12.35
C LYS A 103 -0.06 1.16 -13.15
N LEU A 104 -0.86 2.13 -13.59
CA LEU A 104 -0.31 3.27 -14.33
C LEU A 104 0.73 4.00 -13.48
N LEU A 105 0.48 4.12 -12.18
CA LEU A 105 1.42 4.79 -11.26
C LEU A 105 2.72 4.01 -11.06
N LEU A 106 2.61 2.70 -10.88
CA LEU A 106 3.75 1.82 -10.73
C LEU A 106 4.59 1.79 -11.98
N ASP A 107 3.96 1.80 -13.15
CA ASP A 107 4.67 1.80 -14.44
C ASP A 107 5.49 3.06 -14.70
N ALA A 108 5.15 4.17 -14.05
CA ALA A 108 5.99 5.38 -14.09
C ALA A 108 7.36 5.23 -13.40
N ASP A 109 7.50 4.23 -12.51
CA ASP A 109 8.77 3.87 -11.86
C ASP A 109 9.39 4.98 -10.97
N VAL A 110 8.55 5.85 -10.42
CA VAL A 110 8.99 6.96 -9.55
C VAL A 110 8.24 7.06 -8.23
N CYS A 111 7.31 6.15 -7.95
CA CYS A 111 6.50 6.22 -6.73
C CYS A 111 7.34 5.85 -5.54
N ASN A 112 7.15 6.56 -4.44
CA ASN A 112 7.67 6.12 -3.15
C ASN A 112 6.58 5.27 -2.53
N VAL A 113 6.67 3.97 -2.81
CA VAL A 113 5.71 2.98 -2.37
C VAL A 113 5.69 2.80 -0.84
N ASP A 114 6.78 3.16 -0.15
CA ASP A 114 6.87 2.99 1.31
C ASP A 114 6.45 4.20 2.14
N HIS A 115 5.87 5.24 1.53
CA HIS A 115 5.45 6.42 2.29
C HIS A 115 4.22 6.07 3.11
N GLN A 116 4.26 6.39 4.40
CA GLN A 116 3.12 6.16 5.26
C GLN A 116 2.39 7.48 5.50
N ASN A 117 1.07 7.44 5.34
CA ASN A 117 0.21 8.57 5.61
C ASN A 117 0.26 8.98 7.09
N LYS A 118 -0.49 10.01 7.47
CA LYS A 118 -0.50 10.49 8.85
C LYS A 118 -1.16 9.48 9.79
N ALA A 119 -2.14 8.75 9.29
CA ALA A 119 -2.76 7.65 10.03
C ALA A 119 -1.79 6.48 10.29
N GLY A 120 -0.69 6.41 9.53
CA GLY A 120 0.40 5.48 9.76
C GLY A 120 0.52 4.34 8.75
N TYR A 121 -0.33 4.33 7.71
CA TYR A 121 -0.47 3.20 6.80
C TYR A 121 0.24 3.42 5.47
N THR A 122 0.84 2.36 4.93
CA THR A 122 1.48 2.39 3.63
C THR A 122 0.47 1.94 2.59
N PRO A 123 0.76 2.15 1.30
CA PRO A 123 -0.12 1.63 0.24
C PRO A 123 -0.29 0.12 0.23
N ILE A 124 0.76 -0.60 0.61
CA ILE A 124 0.68 -2.06 0.76
C ILE A 124 -0.30 -2.47 1.85
N MET A 125 -0.26 -1.79 2.99
CA MET A 125 -1.18 -2.06 4.07
C MET A 125 -2.63 -1.84 3.64
N LEU A 126 -2.86 -0.75 2.93
CA LEU A 126 -4.20 -0.42 2.43
C LEU A 126 -4.67 -1.45 1.40
N ALA A 127 -3.75 -1.94 0.57
CA ALA A 127 -4.04 -2.98 -0.42
C ALA A 127 -4.52 -4.26 0.25
N ALA A 128 -3.93 -4.60 1.39
CA ALA A 128 -4.38 -5.76 2.18
C ALA A 128 -5.84 -5.66 2.65
N LEU A 129 -6.36 -4.45 2.73
CA LEU A 129 -7.74 -4.20 3.12
C LEU A 129 -8.67 -3.81 1.94
N ALA A 130 -8.13 -3.61 0.74
CA ALA A 130 -8.94 -3.21 -0.41
C ALA A 130 -9.70 -4.39 -1.01
N ALA A 131 -10.91 -4.13 -1.51
CA ALA A 131 -11.67 -5.12 -2.25
C ALA A 131 -10.94 -5.49 -3.54
N VAL A 132 -10.92 -6.79 -3.84
CA VAL A 132 -10.32 -7.30 -5.07
C VAL A 132 -11.28 -8.32 -5.65
N GLU A 133 -11.87 -7.99 -6.79
CA GLU A 133 -12.95 -8.76 -7.36
C GLU A 133 -12.55 -9.60 -8.58
N ALA A 134 -11.32 -9.43 -9.07
CA ALA A 134 -10.86 -10.11 -10.28
C ALA A 134 -9.37 -10.45 -10.17
N GLU A 135 -8.95 -11.47 -10.92
CA GLU A 135 -7.58 -11.96 -10.88
C GLU A 135 -6.59 -10.92 -11.38
N LYS A 136 -6.96 -10.19 -12.42
CA LYS A 136 -6.12 -9.11 -12.94
C LYS A 136 -5.81 -8.03 -11.90
N ASP A 137 -6.80 -7.72 -11.06
CA ASP A 137 -6.60 -6.75 -9.98
C ASP A 137 -5.70 -7.33 -8.90
N MET A 138 -5.84 -8.62 -8.61
CA MET A 138 -4.96 -9.30 -7.67
C MET A 138 -3.50 -9.33 -8.17
N ARG A 139 -3.29 -9.52 -9.47
CA ARG A 139 -1.94 -9.39 -10.05
C ARG A 139 -1.30 -8.02 -9.89
N ILE A 140 -2.12 -6.96 -10.01
CA ILE A 140 -1.66 -5.59 -9.82
C ILE A 140 -1.28 -5.40 -8.34
N VAL A 141 -2.10 -5.92 -7.43
CA VAL A 141 -1.77 -5.91 -6.00
C VAL A 141 -0.49 -6.70 -5.71
N GLU A 142 -0.29 -7.84 -6.38
CA GLU A 142 0.96 -8.59 -6.20
C GLU A 142 2.16 -7.77 -6.67
N GLU A 143 2.01 -7.10 -7.80
CA GLU A 143 3.06 -6.26 -8.33
C GLU A 143 3.42 -5.12 -7.38
N LEU A 144 2.43 -4.56 -6.70
CA LEU A 144 2.65 -3.52 -5.69
C LEU A 144 3.44 -4.08 -4.50
N PHE A 145 3.08 -5.29 -4.06
CA PHE A 145 3.82 -5.98 -2.98
C PHE A 145 5.29 -6.17 -3.33
N GLY A 146 5.57 -6.51 -4.58
CA GLY A 146 6.97 -6.66 -5.05
C GLY A 146 7.75 -5.36 -5.27
N CYS A 147 7.07 -4.21 -5.16
CA CYS A 147 7.68 -2.90 -5.35
C CYS A 147 8.20 -2.29 -4.06
N GLY A 148 7.49 -2.51 -2.96
CA GLY A 148 7.81 -1.89 -1.68
C GLY A 148 8.07 -2.86 -0.55
N ASP A 149 8.15 -2.31 0.65
CA ASP A 149 8.47 -3.06 1.84
C ASP A 149 7.22 -3.67 2.44
N VAL A 150 7.00 -4.96 2.16
CA VAL A 150 5.85 -5.68 2.74
C VAL A 150 5.94 -5.80 4.26
N ASN A 151 7.14 -5.75 4.82
CA ASN A 151 7.32 -5.88 6.29
C ASN A 151 7.27 -4.60 7.15
N ALA A 152 6.92 -3.45 6.56
CA ALA A 152 6.81 -2.22 7.30
C ALA A 152 5.78 -2.35 8.42
N LYS A 153 6.01 -1.61 9.50
CA LYS A 153 5.16 -1.64 10.67
C LYS A 153 4.41 -0.32 10.79
N ALA A 154 3.09 -0.40 10.94
CA ALA A 154 2.26 0.78 11.03
C ALA A 154 2.51 1.58 12.33
N SER A 155 2.22 2.88 12.29
CA SER A 155 2.32 3.75 13.48
C SER A 155 1.30 3.32 14.54
N GLN A 156 0.08 3.01 14.09
CA GLN A 156 -0.95 2.46 14.97
C GLN A 156 -0.66 0.98 15.24
N ALA A 157 -0.40 0.67 16.51
CA ALA A 157 -0.32 -0.71 17.00
C ALA A 157 0.83 -1.59 16.44
N GLY A 158 1.75 -1.01 15.66
CA GLY A 158 2.82 -1.78 15.01
C GLY A 158 2.43 -2.91 14.06
N GLN A 159 1.23 -2.85 13.48
CA GLN A 159 0.77 -3.93 12.59
C GLN A 159 1.34 -3.87 11.17
N THR A 160 1.69 -5.05 10.66
CA THR A 160 2.12 -5.23 9.26
C THR A 160 0.92 -5.51 8.35
N ALA A 161 1.18 -5.51 7.05
CA ALA A 161 0.19 -5.85 6.04
C ALA A 161 -0.36 -7.27 6.23
N LEU A 162 0.53 -8.21 6.59
CA LEU A 162 0.14 -9.60 6.82
C LEU A 162 -0.88 -9.75 7.95
N MET A 163 -0.67 -9.02 9.05
CA MET A 163 -1.57 -9.08 10.19
C MET A 163 -2.97 -8.54 9.83
N LEU A 164 -3.00 -7.43 9.09
CA LEU A 164 -4.28 -6.87 8.61
C LEU A 164 -5.05 -7.84 7.71
N ALA A 165 -4.34 -8.53 6.82
CA ALA A 165 -4.93 -9.53 5.92
C ALA A 165 -5.48 -10.72 6.70
N VAL A 166 -4.67 -11.25 7.60
CA VAL A 166 -5.06 -12.38 8.46
C VAL A 166 -6.24 -12.01 9.35
N SER A 167 -6.24 -10.79 9.84
CA SER A 167 -7.31 -10.28 10.69
C SER A 167 -8.70 -10.21 10.01
N HIS A 168 -8.72 -10.03 8.68
CA HIS A 168 -9.98 -10.09 7.92
C HIS A 168 -10.14 -11.40 7.13
N GLY A 169 -9.31 -12.40 7.41
CA GLY A 169 -9.49 -13.74 6.86
C GLY A 169 -9.27 -13.89 5.37
N ARG A 170 -8.30 -13.15 4.85
CA ARG A 170 -8.10 -13.01 3.40
C ARG A 170 -6.97 -13.88 2.93
N ILE A 171 -7.32 -15.10 2.52
CA ILE A 171 -6.35 -16.11 2.07
C ILE A 171 -5.57 -15.62 0.85
N ASP A 172 -6.25 -14.92 -0.05
CA ASP A 172 -5.65 -14.43 -1.30
C ASP A 172 -4.51 -13.45 -1.02
N MET A 173 -4.73 -12.55 -0.07
CA MET A 173 -3.74 -11.57 0.33
C MET A 173 -2.56 -12.18 1.03
N VAL A 174 -2.86 -13.13 1.92
CA VAL A 174 -1.83 -13.83 2.69
C VAL A 174 -0.85 -14.54 1.78
N LYS A 175 -1.36 -15.27 0.80
CA LYS A 175 -0.52 -16.01 -0.14
C LYS A 175 0.36 -15.06 -0.90
N GLY A 176 -0.24 -13.97 -1.39
CA GLY A 176 0.48 -12.94 -2.13
C GLY A 176 1.58 -12.28 -1.30
N LEU A 177 1.26 -11.95 -0.05
CA LEU A 177 2.24 -11.35 0.84
C LEU A 177 3.39 -12.28 1.12
N LEU A 178 3.06 -13.52 1.46
CA LEU A 178 4.06 -14.56 1.72
C LEU A 178 4.98 -14.75 0.50
N ALA A 179 4.42 -14.79 -0.70
CA ALA A 179 5.21 -14.91 -1.92
C ALA A 179 6.19 -13.74 -2.09
N CYS A 180 5.79 -12.54 -1.65
CA CYS A 180 6.71 -11.40 -1.67
C CYS A 180 7.55 -11.22 -0.42
N GLY A 181 7.77 -12.32 0.32
CA GLY A 181 8.75 -12.33 1.40
C GLY A 181 8.28 -11.72 2.69
N ALA A 182 6.96 -11.68 2.91
CA ALA A 182 6.43 -11.25 4.21
C ALA A 182 6.99 -12.13 5.37
N ASP A 183 7.43 -11.48 6.44
CA ASP A 183 7.99 -12.17 7.62
C ASP A 183 6.84 -12.51 8.58
N VAL A 184 6.57 -13.80 8.76
CA VAL A 184 5.50 -14.25 9.66
C VAL A 184 5.81 -14.10 11.16
N ASN A 185 7.07 -13.85 11.54
CA ASN A 185 7.46 -13.77 12.96
C ASN A 185 7.45 -12.37 13.58
N ILE A 186 7.28 -11.34 12.78
CA ILE A 186 7.14 -9.97 13.27
C ILE A 186 5.98 -9.86 14.27
N GLN A 187 6.24 -9.21 15.39
CA GLN A 187 5.25 -9.03 16.46
C GLN A 187 4.79 -7.58 16.47
N ASP A 188 3.50 -7.36 16.77
CA ASP A 188 2.95 -6.01 16.93
C ASP A 188 3.33 -5.42 18.30
N ASP A 189 2.85 -4.21 18.59
CA ASP A 189 3.10 -3.57 19.90
C ASP A 189 2.64 -4.44 21.08
N GLU A 190 1.50 -5.12 20.91
CA GLU A 190 1.01 -6.10 21.89
C GLU A 190 1.79 -7.43 21.93
N GLY A 191 2.82 -7.57 21.08
CA GLY A 191 3.60 -8.80 20.99
C GLY A 191 2.99 -9.89 20.12
N SER A 192 1.83 -9.65 19.53
CA SER A 192 1.14 -10.67 18.74
C SER A 192 1.65 -10.77 17.31
N THR A 193 1.66 -12.01 16.80
CA THR A 193 2.00 -12.32 15.41
C THR A 193 0.74 -12.63 14.59
N ALA A 194 0.92 -12.70 13.28
CA ALA A 194 -0.11 -13.19 12.37
C ALA A 194 -0.66 -14.58 12.76
N LEU A 195 0.23 -15.51 13.09
CA LEU A 195 -0.16 -16.87 13.50
C LEU A 195 -1.11 -16.89 14.71
N MET A 196 -0.81 -16.06 15.69
CA MET A 196 -1.69 -15.88 16.84
C MET A 196 -3.05 -15.27 16.45
N CYS A 197 -3.04 -14.30 15.54
CA CYS A 197 -4.29 -13.71 15.02
C CYS A 197 -5.16 -14.74 14.30
N ALA A 198 -4.53 -15.49 13.39
CA ALA A 198 -5.20 -16.59 12.69
C ALA A 198 -5.75 -17.62 13.67
N SER A 199 -5.00 -17.89 14.74
CA SER A 199 -5.40 -18.88 15.75
C SER A 199 -6.60 -18.45 16.60
N GLU A 200 -6.69 -17.16 16.95
CA GLU A 200 -7.87 -16.63 17.66
C GLU A 200 -9.18 -16.71 16.84
N HIS A 201 -9.11 -16.32 15.57
CA HIS A 201 -10.30 -16.22 14.70
C HIS A 201 -10.71 -17.51 13.99
N GLY A 202 -9.91 -18.57 14.10
CA GLY A 202 -10.29 -19.88 13.57
C GLY A 202 -10.10 -20.02 12.08
N HIS A 203 -9.10 -19.31 11.54
CA HIS A 203 -8.79 -19.35 10.11
C HIS A 203 -7.79 -20.49 9.85
N VAL A 204 -8.33 -21.68 9.64
CA VAL A 204 -7.51 -22.89 9.62
C VAL A 204 -6.54 -22.85 8.46
N GLU A 205 -7.05 -22.47 7.29
CA GLU A 205 -6.24 -22.45 6.08
C GLU A 205 -5.11 -21.45 6.15
N ILE A 206 -5.40 -20.27 6.71
CA ILE A 206 -4.37 -19.28 6.97
C ILE A 206 -3.29 -19.82 7.93
N VAL A 207 -3.69 -20.52 9.00
CA VAL A 207 -2.72 -21.11 9.92
C VAL A 207 -1.78 -22.07 9.20
N LYS A 208 -2.34 -22.93 8.35
CA LYS A 208 -1.53 -23.85 7.51
C LYS A 208 -0.55 -23.11 6.61
N LEU A 209 -1.02 -22.06 5.95
CA LEU A 209 -0.14 -21.25 5.09
C LEU A 209 1.03 -20.64 5.88
N LEU A 210 0.77 -20.15 7.09
CA LEU A 210 1.81 -19.55 7.95
C LEU A 210 2.78 -20.58 8.55
N LEU A 211 2.25 -21.69 9.06
CA LEU A 211 3.10 -22.81 9.53
C LEU A 211 4.02 -23.40 8.45
N ALA A 212 3.56 -23.41 7.19
CA ALA A 212 4.35 -23.92 6.07
C ALA A 212 5.54 -23.04 5.70
N GLN A 213 5.45 -21.74 6.01
CA GLN A 213 6.53 -20.84 5.68
C GLN A 213 7.79 -21.25 6.40
N PRO A 214 8.90 -21.39 5.69
CA PRO A 214 10.11 -21.78 6.44
C PRO A 214 10.51 -20.71 7.46
N GLY A 215 10.97 -21.17 8.60
CA GLY A 215 11.35 -20.31 9.70
C GLY A 215 10.24 -19.81 10.60
N CYS A 216 9.01 -20.29 10.39
CA CYS A 216 7.88 -19.96 11.26
C CYS A 216 8.16 -20.41 12.70
N ASN A 217 8.05 -19.45 13.62
CA ASN A 217 8.37 -19.67 15.02
C ASN A 217 7.05 -19.65 15.83
N GLY A 218 6.48 -20.84 16.00
CA GLY A 218 5.27 -21.00 16.78
C GLY A 218 5.44 -20.92 18.29
N HIS A 219 6.68 -20.80 18.78
CA HIS A 219 6.96 -20.65 20.23
C HIS A 219 6.84 -19.21 20.74
N LEU A 220 6.67 -18.23 19.87
CA LEU A 220 6.65 -16.83 20.29
C LEU A 220 5.47 -16.55 21.21
N GLU A 221 5.64 -15.58 22.10
CA GLU A 221 4.59 -15.21 23.06
C GLU A 221 4.24 -13.72 22.91
N ASP A 222 2.95 -13.39 23.05
CA ASP A 222 2.51 -11.99 23.16
C ASP A 222 2.88 -11.42 24.55
N ASN A 223 2.50 -10.17 24.83
CA ASN A 223 2.84 -9.52 26.09
C ASN A 223 2.12 -10.09 27.34
N ASP A 224 1.02 -10.84 27.13
CA ASP A 224 0.36 -11.62 28.20
C ASP A 224 0.97 -13.03 28.40
N GLY A 225 2.03 -13.36 27.65
CA GLY A 225 2.74 -14.62 27.81
C GLY A 225 2.18 -15.80 27.03
N SER A 226 1.09 -15.59 26.28
CA SER A 226 0.41 -16.67 25.57
C SER A 226 1.02 -16.94 24.19
N THR A 227 0.98 -18.21 23.79
CA THR A 227 1.41 -18.65 22.47
C THR A 227 0.20 -18.76 21.53
N ALA A 228 0.45 -19.10 20.26
CA ALA A 228 -0.63 -19.40 19.32
C ALA A 228 -1.48 -20.60 19.78
N LEU A 229 -0.80 -21.62 20.30
CA LEU A 229 -1.45 -22.80 20.83
C LEU A 229 -2.34 -22.45 22.02
N SER A 230 -1.79 -21.69 22.98
CA SER A 230 -2.57 -21.20 24.13
C SER A 230 -3.84 -20.52 23.66
N ILE A 231 -3.69 -19.68 22.65
CA ILE A 231 -4.73 -18.83 22.12
C ILE A 231 -5.81 -19.66 21.42
N ALA A 232 -5.38 -20.62 20.60
CA ALA A 232 -6.29 -21.54 19.92
C ALA A 232 -7.16 -22.29 20.93
N LEU A 233 -6.54 -22.76 22.00
CA LEU A 233 -7.25 -23.52 23.03
C LEU A 233 -8.26 -22.64 23.78
N GLU A 234 -7.84 -21.44 24.17
CA GLU A 234 -8.74 -20.47 24.82
C GLU A 234 -9.95 -20.09 23.95
N ALA A 235 -9.77 -20.03 22.62
CA ALA A 235 -10.85 -19.73 21.68
C ALA A 235 -11.73 -20.94 21.26
N GLY A 236 -11.37 -22.15 21.70
CA GLY A 236 -12.11 -23.36 21.35
C GLY A 236 -11.96 -23.84 19.92
N HIS A 237 -10.79 -23.58 19.32
CA HIS A 237 -10.46 -24.08 18.00
C HIS A 237 -9.49 -25.23 18.17
N LYS A 238 -10.06 -26.45 18.23
CA LYS A 238 -9.29 -27.63 18.57
C LYS A 238 -8.44 -28.10 17.40
N ASP A 239 -9.02 -28.15 16.20
CA ASP A 239 -8.28 -28.62 15.02
C ASP A 239 -7.02 -27.79 14.76
N ILE A 240 -7.11 -26.48 14.96
CA ILE A 240 -5.94 -25.60 14.88
C ILE A 240 -4.94 -25.90 15.99
N ALA A 241 -5.43 -26.03 17.23
CA ALA A 241 -4.56 -26.36 18.37
C ALA A 241 -3.74 -27.62 18.11
N VAL A 242 -4.39 -28.64 17.56
CA VAL A 242 -3.72 -29.89 17.21
C VAL A 242 -2.63 -29.64 16.15
N LEU A 243 -2.96 -28.88 15.11
CA LEU A 243 -1.98 -28.49 14.08
C LEU A 243 -0.81 -27.75 14.67
N LEU A 244 -1.10 -26.79 15.54
CA LEU A 244 -0.05 -26.02 16.17
C LEU A 244 0.92 -26.87 16.97
N TYR A 245 0.39 -27.79 17.78
CA TYR A 245 1.24 -28.70 18.55
C TYR A 245 2.20 -29.50 17.67
N ALA A 246 1.66 -30.13 16.64
CA ALA A 246 2.47 -30.98 15.75
C ALA A 246 3.61 -30.26 15.04
N HIS A 247 3.36 -29.04 14.56
N HIS A 247 3.37 -29.02 14.62
CA HIS A 247 4.38 -28.24 13.82
CA HIS A 247 4.35 -28.29 13.80
C HIS A 247 5.47 -27.68 14.68
C HIS A 247 5.32 -27.38 14.56
N VAL A 248 5.11 -27.18 15.86
CA VAL A 248 6.09 -26.54 16.76
C VAL A 248 6.94 -27.56 17.53
N ASN A 249 6.38 -28.75 17.74
CA ASN A 249 7.07 -29.88 18.39
C ASN A 249 7.38 -30.97 17.35
C1 GOL B . -14.45 -26.04 17.08
O1 GOL B . -14.67 -24.62 17.18
C2 GOL B . -14.36 -26.50 15.62
O2 GOL B . -13.75 -25.48 14.81
C3 GOL B . -13.55 -27.80 15.54
O3 GOL B . -12.12 -27.55 15.61
C1 GOL C . 9.34 1.07 -6.70
O1 GOL C . 9.51 2.22 -5.85
C2 GOL C . 9.63 1.41 -8.17
O2 GOL C . 9.94 2.80 -8.31
C3 GOL C . 8.42 1.05 -9.04
O3 GOL C . 7.31 1.93 -8.77
C1 GOL D . -0.95 0.32 -18.14
O1 GOL D . -0.23 0.24 -16.90
C2 GOL D . -0.63 -0.89 -18.99
O2 GOL D . -0.87 -2.10 -18.25
C3 GOL D . -1.50 -0.80 -20.25
O3 GOL D . -1.36 -1.99 -21.05
#